data_2XJE
#
_entry.id   2XJE
#
_cell.length_a   91.650
_cell.length_b   127.610
_cell.length_c   130.470
_cell.angle_alpha   90.00
_cell.angle_beta   90.00
_cell.angle_gamma   90.00
#
_symmetry.space_group_name_H-M   'I 2 2 2'
#
loop_
_entity.id
_entity.type
_entity.pdbx_description
1 polymer "CYTOSOLIC PURINE 5'-NUCLEOTIDASE"
2 non-polymer "URIDINE-5'-MONOPHOSPHATE"
3 non-polymer "ADENOSINE-5'-TRIPHOSPHATE"
4 non-polymer GLYCEROL
5 non-polymer 'MAGNESIUM ION'
6 water water
#
_entity_poly.entity_id   1
_entity_poly.type   'polypeptide(L)'
_entity_poly.pdbx_seq_one_letter_code
;MGSSHHHHHHSSGLVPRGSMSTSWSDRLQNAADMPANMDKHALKKYRREAYHRVFVNRSLAMEKIKCFGFNMDYTLAVYK
SPEYESLGFELTVERLVSIGYPQELLSFAYDSTFPTRGLVFDTLYGNLLKVDAYGNLLVCAHGFNFIRGPETREQYPNKF
IQRDDTERFYILNTLFNLPETYLLACLVDFFTNCPRYTSCETGFKDGDLFMSYRSMFQDVRDAVDWVHYKGSLKEKTVEN
LEKYVVKDGKLPLLLSRMKEVGKVFLATNSDYKYTDKIMTYLFDFPHGPKPGSSHRPWQSYFDLILVDARKPLFFGEGTV
LRQVDTKTGKLKIGTYTGPLQHGIVYSGGSSDTICDLLGAKGKDILYIGDHIFGDILKSKKRQGWRTFLVIPELAQELHV
WTDKSSLFEELQSLDIFLAELYKHLDSSSNERPDISSIQRRIKKVTHDMDMCYGMMGSLFRSGSRQTLFASQVMRYADLY
AASFINLLYYPFSYLFRAAHVLMPHESTVEHTHVDINEMESPLATRNRTSVDFKDTDYKRHQLTRSISEIKPPNL
;
_entity_poly.pdbx_strand_id   A
#
# COMPACT_ATOMS: atom_id res chain seq x y z
N THR A 22 -7.19 -13.75 -12.62
CA THR A 22 -5.84 -13.10 -12.63
C THR A 22 -5.74 -11.87 -11.71
N SER A 23 -4.82 -11.97 -10.76
CA SER A 23 -4.59 -10.93 -9.79
C SER A 23 -3.33 -10.16 -10.21
N TRP A 24 -3.21 -8.94 -9.70
CA TRP A 24 -1.96 -8.20 -9.80
C TRP A 24 -0.74 -8.96 -9.25
N SER A 25 -0.94 -9.88 -8.31
CA SER A 25 0.18 -10.67 -7.78
C SER A 25 0.63 -11.76 -8.79
N ASP A 26 -0.32 -12.24 -9.60
CA ASP A 26 -0.04 -13.16 -10.71
C ASP A 26 0.81 -12.44 -11.77
N ARG A 27 0.32 -11.29 -12.24
CA ARG A 27 1.11 -10.37 -13.10
C ARG A 27 2.52 -10.14 -12.55
N LEU A 28 2.61 -9.75 -11.28
CA LEU A 28 3.88 -9.45 -10.64
C LEU A 28 4.77 -10.69 -10.51
N GLN A 29 4.16 -11.83 -10.16
CA GLN A 29 4.91 -13.08 -10.01
C GLN A 29 5.44 -13.62 -11.36
N ASN A 30 4.73 -13.31 -12.45
CA ASN A 30 5.13 -13.76 -13.79
C ASN A 30 6.34 -13.01 -14.36
N ALA A 31 6.45 -11.74 -13.97
CA ALA A 31 7.62 -10.91 -14.31
C ALA A 31 8.79 -11.21 -13.37
N ALA A 32 8.45 -11.81 -12.22
CA ALA A 32 9.39 -12.24 -11.19
C ALA A 32 9.98 -13.61 -11.49
N ASP A 33 9.22 -14.41 -12.26
CA ASP A 33 9.64 -15.73 -12.74
C ASP A 33 10.46 -15.59 -14.02
N MET A 34 11.10 -14.42 -14.18
CA MET A 34 11.91 -14.12 -15.36
C MET A 34 13.35 -13.68 -15.05
N PRO A 35 14.33 -14.16 -15.85
CA PRO A 35 15.71 -13.75 -15.59
C PRO A 35 16.02 -12.41 -16.23
N ALA A 36 16.96 -11.68 -15.63
CA ALA A 36 17.36 -10.37 -16.11
C ALA A 36 18.25 -10.47 -17.35
N ASN A 37 17.78 -9.88 -18.45
CA ASN A 37 18.57 -9.68 -19.65
C ASN A 37 19.13 -8.26 -19.56
N MET A 38 20.44 -8.17 -19.37
CA MET A 38 21.08 -6.90 -19.03
C MET A 38 21.80 -6.24 -20.23
N ASP A 39 21.43 -6.68 -21.42
CA ASP A 39 21.81 -6.00 -22.65
C ASP A 39 21.09 -4.66 -22.70
N LYS A 40 21.86 -3.59 -22.94
CA LYS A 40 21.35 -2.22 -22.94
C LYS A 40 20.29 -1.97 -24.03
N HIS A 41 20.18 -2.90 -24.97
CA HIS A 41 19.15 -2.85 -26.02
C HIS A 41 17.86 -3.56 -25.63
N ALA A 42 17.99 -4.72 -25.00
CA ALA A 42 16.84 -5.38 -24.39
C ALA A 42 16.26 -4.57 -23.23
N LEU A 43 17.12 -3.99 -22.39
CA LEU A 43 16.69 -3.15 -21.25
C LEU A 43 15.75 -2.03 -21.67
N LYS A 44 16.21 -1.18 -22.60
CA LYS A 44 15.39 -0.08 -23.14
C LYS A 44 14.11 -0.60 -23.78
N LYS A 45 14.20 -1.73 -24.48
CA LYS A 45 13.03 -2.32 -25.15
C LYS A 45 11.98 -2.70 -24.10
N TYR A 46 12.45 -3.38 -23.05
CA TYR A 46 11.63 -3.86 -21.93
C TYR A 46 10.79 -2.76 -21.24
N ARG A 47 11.41 -1.60 -21.00
CA ARG A 47 10.77 -0.50 -20.28
C ARG A 47 9.80 0.27 -21.15
N ARG A 48 9.65 -0.16 -22.40
CA ARG A 48 8.66 0.41 -23.30
C ARG A 48 7.28 -0.08 -22.91
N GLU A 49 7.23 -1.27 -22.29
CA GLU A 49 5.96 -1.82 -21.86
C GLU A 49 5.45 -1.11 -20.63
N ALA A 50 4.16 -0.79 -20.63
CA ALA A 50 3.52 -0.06 -19.54
C ALA A 50 3.93 -0.68 -18.22
N TYR A 51 3.96 -2.01 -18.20
CA TYR A 51 4.07 -2.80 -16.97
C TYR A 51 5.43 -2.70 -16.34
N HIS A 52 6.47 -2.49 -17.16
CA HIS A 52 7.85 -2.47 -16.68
C HIS A 52 8.40 -1.06 -16.65
N ARG A 53 7.48 -0.10 -16.69
CA ARG A 53 7.84 1.29 -16.76
C ARG A 53 7.82 1.95 -15.38
N VAL A 54 8.70 2.94 -15.21
CA VAL A 54 8.64 3.85 -14.07
C VAL A 54 7.91 5.16 -14.54
N PHE A 55 6.93 5.62 -13.78
CA PHE A 55 6.15 6.80 -14.14
C PHE A 55 6.68 8.01 -13.41
N VAL A 56 6.71 9.17 -14.08
CA VAL A 56 7.31 10.41 -13.52
C VAL A 56 6.26 11.47 -13.16
N ASN A 57 6.30 11.92 -11.90
CA ASN A 57 5.48 13.00 -11.44
C ASN A 57 6.31 14.28 -11.37
N ARG A 58 7.56 14.16 -10.89
CA ARG A 58 8.51 15.28 -10.95
C ARG A 58 9.84 14.79 -11.37
N SER A 59 10.55 15.64 -12.11
CA SER A 59 11.80 15.25 -12.71
C SER A 59 12.73 14.76 -11.65
N LEU A 60 13.46 13.69 -11.94
CA LEU A 60 14.42 13.17 -10.99
C LEU A 60 15.66 12.68 -11.73
N ALA A 61 16.81 13.27 -11.40
CA ALA A 61 18.08 12.89 -11.96
C ALA A 61 18.59 11.76 -11.10
N MET A 62 18.65 10.55 -11.67
CA MET A 62 19.12 9.41 -10.90
C MET A 62 20.53 9.57 -10.37
N GLU A 63 21.38 10.33 -11.05
CA GLU A 63 22.74 10.53 -10.53
C GLU A 63 22.91 11.37 -9.26
N LYS A 64 21.90 12.10 -8.84
CA LYS A 64 21.99 12.88 -7.61
C LYS A 64 21.69 12.06 -6.34
N ILE A 65 21.03 10.92 -6.51
CA ILE A 65 20.66 9.97 -5.45
C ILE A 65 21.90 9.24 -4.95
N LYS A 66 22.16 9.38 -3.66
CA LYS A 66 23.30 8.79 -3.03
C LYS A 66 22.91 7.63 -2.11
N CYS A 67 21.61 7.54 -1.77
CA CYS A 67 21.03 6.53 -0.88
C CYS A 67 19.66 6.07 -1.37
N PHE A 68 19.56 4.76 -1.50
CA PHE A 68 18.31 4.14 -1.86
C PHE A 68 17.80 3.50 -0.60
N GLY A 69 16.57 3.83 -0.28
CA GLY A 69 15.97 3.40 0.94
C GLY A 69 14.78 2.58 0.63
N PHE A 70 14.58 1.59 1.48
CA PHE A 70 13.55 0.59 1.28
C PHE A 70 12.72 0.33 2.48
N ASN A 71 11.47 0.03 2.22
CA ASN A 71 10.64 -0.54 3.20
C ASN A 71 10.43 -2.02 2.78
N MET A 72 9.96 -2.87 3.68
CA MET A 72 9.82 -4.28 3.36
C MET A 72 8.44 -4.72 2.98
N ASP A 73 7.49 -4.63 3.91
CA ASP A 73 6.14 -5.15 3.67
C ASP A 73 5.41 -4.42 2.55
N TYR A 74 5.03 -5.19 1.55
CA TYR A 74 4.39 -4.72 0.32
C TYR A 74 5.30 -3.87 -0.58
N THR A 75 6.61 -3.93 -0.31
CA THR A 75 7.62 -3.30 -1.15
C THR A 75 8.63 -4.38 -1.64
N LEU A 76 9.43 -4.89 -0.72
CA LEU A 76 10.38 -5.96 -1.02
C LEU A 76 9.61 -7.27 -0.95
N ALA A 77 8.73 -7.37 0.02
CA ALA A 77 7.91 -8.51 0.24
C ALA A 77 6.52 -8.16 -0.22
N VAL A 78 6.20 -8.56 -1.45
CA VAL A 78 4.84 -8.37 -1.94
C VAL A 78 3.97 -9.62 -1.67
N TYR A 79 3.02 -9.47 -0.78
CA TYR A 79 2.20 -10.61 -0.49
C TYR A 79 1.28 -10.95 -1.64
N LYS A 80 1.21 -12.25 -1.91
CA LYS A 80 0.28 -12.83 -2.91
C LYS A 80 -1.20 -12.61 -2.66
N SER A 81 -1.94 -12.36 -3.75
CA SER A 81 -3.36 -12.01 -3.72
C SER A 81 -4.23 -13.00 -4.53
N PRO A 82 -5.45 -13.35 -4.05
CA PRO A 82 -6.13 -12.96 -2.82
C PRO A 82 -5.71 -13.77 -1.58
N GLU A 83 -4.71 -14.65 -1.71
CA GLU A 83 -4.30 -15.58 -0.62
C GLU A 83 -4.01 -14.94 0.74
N TYR A 84 -3.12 -13.94 0.77
CA TYR A 84 -2.73 -13.27 2.01
C TYR A 84 -3.90 -12.41 2.58
N GLU A 85 -4.63 -11.70 1.73
CA GLU A 85 -5.79 -10.92 2.16
C GLU A 85 -6.82 -11.86 2.79
N SER A 86 -7.10 -12.93 2.05
CA SER A 86 -7.99 -13.98 2.51
C SER A 86 -7.54 -14.61 3.84
N LEU A 87 -6.27 -14.96 4.01
CA LEU A 87 -5.77 -15.34 5.32
C LEU A 87 -6.02 -14.27 6.40
N GLY A 88 -5.65 -13.04 6.11
CA GLY A 88 -5.79 -11.96 7.11
C GLY A 88 -7.22 -11.75 7.51
N PHE A 89 -8.13 -11.78 6.55
CA PHE A 89 -9.58 -11.72 6.78
C PHE A 89 -10.08 -12.86 7.69
N GLU A 90 -9.59 -14.08 7.42
CA GLU A 90 -10.11 -15.26 8.10
C GLU A 90 -9.88 -15.16 9.59
N LEU A 91 -8.65 -14.76 9.93
CA LEU A 91 -8.16 -14.59 11.29
C LEU A 91 -8.75 -13.42 12.08
N THR A 92 -9.04 -12.32 11.41
CA THR A 92 -9.73 -11.16 12.03
C THR A 92 -11.17 -11.55 12.38
N VAL A 93 -11.88 -12.18 11.44
CA VAL A 93 -13.20 -12.82 11.75
C VAL A 93 -13.06 -13.72 13.05
N GLU A 94 -12.06 -14.61 13.07
N GLU A 94 -12.05 -14.60 13.03
CA GLU A 94 -11.86 -15.56 14.19
CA GLU A 94 -11.81 -15.53 14.12
C GLU A 94 -11.53 -14.85 15.48
C GLU A 94 -11.68 -14.74 15.40
N ARG A 95 -10.80 -13.74 15.38
CA ARG A 95 -10.61 -12.88 16.57
C ARG A 95 -11.89 -12.15 17.00
N LEU A 96 -12.67 -11.66 16.05
CA LEU A 96 -13.91 -11.01 16.43
C LEU A 96 -14.88 -11.99 17.04
N VAL A 97 -14.89 -13.22 16.54
CA VAL A 97 -15.89 -14.19 16.97
C VAL A 97 -15.49 -14.66 18.36
N SER A 98 -14.18 -14.74 18.59
CA SER A 98 -13.65 -15.20 19.87
C SER A 98 -13.93 -14.18 20.95
N ILE A 99 -13.86 -12.89 20.62
CA ILE A 99 -14.29 -11.89 21.59
C ILE A 99 -15.81 -11.61 21.69
N GLY A 100 -16.65 -12.31 20.96
CA GLY A 100 -18.09 -12.05 21.15
C GLY A 100 -18.96 -11.80 19.93
N TYR A 101 -18.37 -11.54 18.77
CA TYR A 101 -19.20 -11.33 17.61
C TYR A 101 -19.88 -12.64 17.25
N PRO A 102 -21.05 -12.56 16.59
CA PRO A 102 -21.87 -13.75 16.41
C PRO A 102 -21.26 -14.72 15.45
N GLN A 103 -21.47 -16.01 15.69
CA GLN A 103 -20.92 -17.08 14.85
C GLN A 103 -21.25 -17.03 13.35
N GLU A 104 -22.29 -16.31 12.93
CA GLU A 104 -22.55 -16.12 11.50
C GLU A 104 -21.36 -15.62 10.71
N LEU A 105 -20.56 -14.73 11.31
CA LEU A 105 -19.34 -14.20 10.70
C LEU A 105 -18.44 -15.27 10.14
N LEU A 106 -18.41 -16.44 10.79
CA LEU A 106 -17.63 -17.59 10.29
C LEU A 106 -18.04 -18.03 8.87
N SER A 107 -19.18 -17.56 8.39
CA SER A 107 -19.60 -17.95 7.06
C SER A 107 -19.25 -16.90 5.97
N PHE A 108 -18.69 -15.76 6.38
CA PHE A 108 -18.10 -14.79 5.47
C PHE A 108 -16.87 -15.43 4.85
N ALA A 109 -16.58 -15.12 3.59
CA ALA A 109 -15.30 -15.49 2.96
C ALA A 109 -14.90 -14.27 2.20
N TYR A 110 -13.59 -14.04 2.05
CA TYR A 110 -13.05 -12.84 1.37
C TYR A 110 -13.32 -12.83 -0.13
N ASP A 111 -13.75 -11.67 -0.64
CA ASP A 111 -14.08 -11.43 -2.05
C ASP A 111 -13.19 -10.29 -2.53
N SER A 112 -12.28 -10.64 -3.40
CA SER A 112 -11.29 -9.69 -3.88
C SER A 112 -11.89 -8.72 -4.91
N THR A 113 -13.09 -9.03 -5.43
CA THR A 113 -13.75 -8.15 -6.40
C THR A 113 -14.43 -6.93 -5.78
N PHE A 114 -14.68 -6.93 -4.48
CA PHE A 114 -15.33 -5.80 -3.80
C PHE A 114 -14.38 -4.67 -3.46
N PRO A 115 -13.41 -4.92 -2.55
CA PRO A 115 -12.67 -3.79 -1.98
C PRO A 115 -11.66 -3.13 -2.93
N THR A 116 -11.75 -1.80 -3.04
CA THR A 116 -10.72 -1.01 -3.68
C THR A 116 -9.96 -0.35 -2.57
N ARG A 117 -8.66 -0.22 -2.76
CA ARG A 117 -7.84 0.51 -1.82
C ARG A 117 -8.06 2.02 -1.86
N GLY A 118 -8.02 2.64 -0.68
CA GLY A 118 -8.08 4.09 -0.55
C GLY A 118 -9.46 4.59 -0.21
N LEU A 119 -10.35 3.70 0.18
CA LEU A 119 -11.71 4.08 0.61
C LEU A 119 -11.75 4.74 2.00
N VAL A 120 -12.76 5.56 2.27
CA VAL A 120 -12.90 6.17 3.57
C VAL A 120 -14.06 5.46 4.26
N PHE A 121 -13.86 5.02 5.50
CA PHE A 121 -14.96 4.57 6.29
C PHE A 121 -15.49 5.68 7.18
N ASP A 122 -16.79 5.95 7.00
CA ASP A 122 -17.47 6.98 7.71
C ASP A 122 -18.05 6.30 8.90
N THR A 123 -17.37 6.49 10.04
CA THR A 123 -17.81 5.78 11.25
C THR A 123 -19.15 6.32 11.82
N LEU A 124 -19.69 7.42 11.29
CA LEU A 124 -20.97 7.94 11.82
C LEU A 124 -22.09 7.12 11.23
N TYR A 125 -22.14 7.03 9.91
CA TYR A 125 -23.26 6.42 9.22
C TYR A 125 -22.94 5.03 8.67
N GLY A 126 -21.69 4.61 8.73
CA GLY A 126 -21.37 3.23 8.43
C GLY A 126 -21.25 2.92 6.96
N ASN A 127 -20.76 3.88 6.18
CA ASN A 127 -20.70 3.83 4.77
C ASN A 127 -19.25 3.76 4.39
N LEU A 128 -18.95 3.02 3.32
CA LEU A 128 -17.69 3.07 2.61
C LEU A 128 -17.78 4.10 1.48
N LEU A 129 -16.83 5.04 1.41
CA LEU A 129 -16.97 6.15 0.45
C LEU A 129 -15.72 6.18 -0.35
N LYS A 130 -15.89 6.38 -1.67
CA LYS A 130 -14.76 6.74 -2.57
C LYS A 130 -14.92 8.23 -2.90
N VAL A 131 -13.87 8.98 -2.61
CA VAL A 131 -13.93 10.45 -2.64
C VAL A 131 -12.79 11.00 -3.42
N ASP A 132 -12.98 12.22 -3.93
CA ASP A 132 -11.88 12.90 -4.59
C ASP A 132 -10.99 13.69 -3.61
N ALA A 133 -10.05 14.47 -4.15
CA ALA A 133 -9.05 15.14 -3.33
C ALA A 133 -9.66 16.24 -2.46
N TYR A 134 -10.88 16.66 -2.83
CA TYR A 134 -11.67 17.67 -2.16
C TYR A 134 -12.83 17.13 -1.33
N GLY A 135 -12.85 15.84 -1.01
CA GLY A 135 -13.88 15.28 -0.20
C GLY A 135 -15.21 15.11 -0.89
N ASN A 136 -15.22 15.25 -2.22
CA ASN A 136 -16.40 14.91 -3.02
C ASN A 136 -16.64 13.44 -3.17
N LEU A 137 -17.92 13.07 -3.06
CA LEU A 137 -18.39 11.69 -3.12
C LEU A 137 -18.47 11.24 -4.52
N LEU A 138 -17.75 10.16 -4.80
CA LEU A 138 -17.74 9.53 -6.11
C LEU A 138 -18.59 8.27 -6.00
N VAL A 139 -18.44 7.53 -4.90
CA VAL A 139 -19.18 6.26 -4.69
C VAL A 139 -19.53 6.15 -3.22
N CYS A 140 -20.76 5.75 -2.94
CA CYS A 140 -21.14 5.50 -1.58
C CYS A 140 -21.83 4.13 -1.44
N ALA A 141 -21.38 3.34 -0.46
CA ALA A 141 -21.84 1.97 -0.22
C ALA A 141 -22.08 1.74 1.27
N HIS A 142 -23.28 1.31 1.59
CA HIS A 142 -23.68 0.92 2.91
C HIS A 142 -23.84 -0.59 2.87
N GLY A 143 -22.80 -1.29 3.35
CA GLY A 143 -22.68 -2.73 3.22
C GLY A 143 -22.43 -3.00 1.77
N PHE A 144 -23.24 -3.83 1.16
CA PHE A 144 -23.17 -4.04 -0.29
C PHE A 144 -24.24 -3.33 -1.12
N ASN A 145 -24.94 -2.39 -0.53
CA ASN A 145 -25.89 -1.59 -1.25
C ASN A 145 -25.29 -0.25 -1.68
N PHE A 146 -25.27 0.00 -2.99
CA PHE A 146 -24.72 1.23 -3.53
C PHE A 146 -25.71 2.37 -3.52
N ILE A 147 -25.34 3.42 -2.79
CA ILE A 147 -26.13 4.62 -2.73
C ILE A 147 -25.78 5.42 -3.98
N ARG A 148 -26.82 5.89 -4.65
CA ARG A 148 -26.73 6.64 -5.88
C ARG A 148 -27.41 8.00 -5.69
N GLY A 149 -26.93 8.98 -6.46
CA GLY A 149 -27.64 10.26 -6.71
C GLY A 149 -28.20 10.93 -5.48
N PRO A 150 -29.56 10.94 -5.34
CA PRO A 150 -30.33 11.74 -4.36
C PRO A 150 -30.58 11.09 -3.00
N GLU A 151 -30.58 9.77 -2.98
CA GLU A 151 -30.65 8.95 -1.74
C GLU A 151 -29.53 9.34 -0.76
N THR A 152 -28.35 9.60 -1.33
CA THR A 152 -27.15 9.96 -0.57
C THR A 152 -27.24 11.34 0.05
N ARG A 153 -27.81 12.30 -0.67
CA ARG A 153 -27.92 13.70 -0.21
C ARG A 153 -28.59 13.83 1.16
N GLU A 154 -29.24 12.77 1.63
CA GLU A 154 -29.84 12.75 2.96
C GLU A 154 -28.77 12.80 4.06
N GLN A 155 -27.73 11.97 3.94
CA GLN A 155 -26.61 11.96 4.90
C GLN A 155 -25.47 12.90 4.54
N TYR A 156 -25.32 13.23 3.26
CA TYR A 156 -24.24 14.07 2.74
C TYR A 156 -24.91 15.14 1.89
N PRO A 157 -25.39 16.19 2.56
CA PRO A 157 -26.30 17.11 1.82
C PRO A 157 -25.58 17.95 0.76
N ASN A 158 -24.27 18.16 0.96
CA ASN A 158 -23.40 18.79 -0.02
C ASN A 158 -22.56 17.77 -0.81
N LYS A 159 -22.84 16.49 -0.65
CA LYS A 159 -22.09 15.42 -1.34
C LYS A 159 -20.58 15.54 -1.17
N PHE A 160 -20.16 15.61 0.06
CA PHE A 160 -18.84 16.12 0.45
C PHE A 160 -18.61 15.73 1.91
N ILE A 161 -17.35 15.44 2.22
CA ILE A 161 -16.91 15.14 3.56
C ILE A 161 -15.72 16.01 3.95
N GLN A 162 -15.67 16.34 5.24
CA GLN A 162 -14.61 17.12 5.78
C GLN A 162 -13.48 16.16 6.08
N ARG A 163 -12.54 16.03 5.15
CA ARG A 163 -11.32 15.22 5.42
C ARG A 163 -10.65 15.52 6.77
N ASP A 164 -10.61 16.78 7.22
CA ASP A 164 -10.14 17.11 8.61
C ASP A 164 -10.80 16.38 9.79
N ASP A 165 -12.04 15.87 9.63
CA ASP A 165 -12.72 15.15 10.68
C ASP A 165 -12.15 13.72 10.76
N THR A 166 -10.89 13.63 11.20
CA THR A 166 -10.15 12.35 11.32
C THR A 166 -10.74 11.45 12.40
N GLU A 167 -11.61 12.02 13.22
CA GLU A 167 -12.27 11.25 14.27
C GLU A 167 -13.36 10.42 13.62
N ARG A 168 -13.92 10.92 12.51
CA ARG A 168 -15.13 10.29 11.92
C ARG A 168 -14.81 9.44 10.70
N PHE A 169 -13.79 9.86 9.96
CA PHE A 169 -13.50 9.31 8.67
C PHE A 169 -12.14 8.66 8.73
N TYR A 170 -12.08 7.38 8.38
CA TYR A 170 -10.84 6.62 8.43
C TYR A 170 -10.49 6.15 7.01
N ILE A 171 -9.25 6.40 6.62
CA ILE A 171 -8.82 6.20 5.25
C ILE A 171 -8.05 4.91 5.23
N LEU A 172 -8.42 4.02 4.30
CA LEU A 172 -7.88 2.68 4.25
C LEU A 172 -6.82 2.67 3.16
N ASN A 173 -5.61 3.11 3.55
CA ASN A 173 -4.50 3.46 2.64
C ASN A 173 -3.79 2.29 2.01
N THR A 174 -3.74 1.17 2.71
CA THR A 174 -2.82 0.11 2.29
C THR A 174 -3.46 -1.21 1.89
N LEU A 175 -2.61 -2.05 1.33
CA LEU A 175 -2.96 -3.40 0.97
C LEU A 175 -3.29 -4.26 2.22
N PHE A 176 -2.69 -3.94 3.38
CA PHE A 176 -3.11 -4.48 4.70
C PHE A 176 -4.58 -4.21 5.09
N ASN A 177 -5.23 -3.20 4.51
CA ASN A 177 -6.59 -2.78 4.90
C ASN A 177 -7.60 -3.35 3.93
N LEU A 178 -7.10 -4.01 2.91
CA LEU A 178 -8.00 -4.67 1.97
C LEU A 178 -8.97 -5.65 2.67
N PRO A 179 -8.44 -6.57 3.50
CA PRO A 179 -9.44 -7.40 4.18
C PRO A 179 -10.45 -6.67 5.15
N GLU A 180 -9.99 -5.65 5.85
CA GLU A 180 -10.87 -4.92 6.73
C GLU A 180 -11.91 -4.08 5.99
N THR A 181 -11.55 -3.62 4.78
CA THR A 181 -12.45 -2.90 3.87
C THR A 181 -13.63 -3.78 3.52
N TYR A 182 -13.36 -5.02 3.14
CA TYR A 182 -14.41 -5.98 2.88
C TYR A 182 -15.19 -6.34 4.14
N LEU A 183 -14.50 -6.59 5.24
CA LEU A 183 -15.17 -7.01 6.47
C LEU A 183 -16.22 -6.00 7.02
N LEU A 184 -15.98 -4.72 6.74
CA LEU A 184 -16.83 -3.66 7.24
C LEU A 184 -18.11 -3.67 6.44
N ALA A 185 -17.98 -3.82 5.12
CA ALA A 185 -19.12 -4.09 4.20
C ALA A 185 -19.97 -5.32 4.61
N CYS A 186 -19.32 -6.46 4.73
CA CYS A 186 -19.93 -7.65 5.30
C CYS A 186 -20.70 -7.46 6.58
N LEU A 187 -20.03 -6.88 7.60
CA LEU A 187 -20.59 -6.63 8.91
C LEU A 187 -21.84 -5.73 8.85
N VAL A 188 -21.72 -4.56 8.23
CA VAL A 188 -22.88 -3.71 8.00
C VAL A 188 -24.02 -4.47 7.27
N ASP A 189 -23.67 -5.24 6.24
CA ASP A 189 -24.62 -6.11 5.54
C ASP A 189 -25.31 -7.12 6.48
N PHE A 190 -24.53 -7.91 7.22
CA PHE A 190 -25.05 -8.87 8.19
C PHE A 190 -26.00 -8.29 9.26
N PHE A 191 -25.64 -7.18 9.90
CA PHE A 191 -26.54 -6.68 10.95
C PHE A 191 -27.79 -6.05 10.33
N THR A 192 -27.64 -5.42 9.15
CA THR A 192 -28.76 -4.84 8.45
C THR A 192 -29.79 -5.89 8.10
N ASN A 193 -29.34 -6.98 7.53
CA ASN A 193 -30.26 -7.97 7.04
C ASN A 193 -30.62 -9.07 8.04
N CYS A 194 -30.24 -8.90 9.30
CA CYS A 194 -30.51 -9.88 10.32
C CYS A 194 -31.56 -9.34 11.28
N PRO A 195 -32.68 -10.08 11.43
CA PRO A 195 -33.86 -9.58 12.13
C PRO A 195 -33.75 -9.53 13.66
N ARG A 196 -32.68 -10.07 14.26
CA ARG A 196 -32.35 -9.78 15.68
C ARG A 196 -31.93 -8.33 15.94
N TYR A 197 -31.38 -7.66 14.91
CA TYR A 197 -30.91 -6.27 15.06
C TYR A 197 -31.79 -5.23 14.35
N THR A 198 -32.13 -4.15 15.07
CA THR A 198 -32.83 -3.01 14.48
C THR A 198 -31.80 -1.97 13.99
N SER A 199 -31.90 -1.60 12.72
CA SER A 199 -31.02 -0.61 12.14
C SER A 199 -31.45 0.78 12.54
N CYS A 200 -30.50 1.53 13.09
CA CYS A 200 -30.65 2.97 13.32
C CYS A 200 -29.64 3.75 12.45
N GLU A 201 -29.64 5.06 12.60
CA GLU A 201 -28.86 5.93 11.74
C GLU A 201 -27.35 5.74 12.01
N THR A 202 -26.98 5.52 13.25
CA THR A 202 -25.57 5.52 13.67
C THR A 202 -25.09 4.15 14.16
N GLY A 203 -25.96 3.13 14.04
CA GLY A 203 -25.56 1.77 14.35
C GLY A 203 -26.73 0.81 14.42
N PHE A 204 -26.61 -0.19 15.29
CA PHE A 204 -27.63 -1.23 15.46
C PHE A 204 -28.00 -1.47 16.91
N LYS A 205 -29.31 -1.61 17.12
CA LYS A 205 -29.90 -1.95 18.40
C LYS A 205 -30.19 -3.46 18.46
N ASP A 206 -29.73 -4.09 19.53
CA ASP A 206 -30.05 -5.48 19.83
C ASP A 206 -30.52 -5.56 21.31
N GLY A 207 -31.83 -5.41 21.52
CA GLY A 207 -32.37 -5.32 22.84
C GLY A 207 -31.85 -4.06 23.49
N ASP A 208 -31.17 -4.23 24.61
CA ASP A 208 -30.65 -3.11 25.40
C ASP A 208 -29.17 -2.86 25.13
N LEU A 209 -28.66 -3.48 24.08
CA LEU A 209 -27.31 -3.24 23.65
C LEU A 209 -27.31 -2.40 22.39
N PHE A 210 -26.56 -1.31 22.38
CA PHE A 210 -26.41 -0.51 21.19
C PHE A 210 -24.98 -0.55 20.62
N MET A 211 -24.86 -1.08 19.41
N MET A 211 -24.84 -1.06 19.40
CA MET A 211 -23.62 -1.18 18.71
CA MET A 211 -23.56 -1.17 18.76
C MET A 211 -23.59 -0.09 17.64
C MET A 211 -23.50 -0.15 17.62
N SER A 212 -22.74 0.92 17.86
CA SER A 212 -22.55 1.96 16.89
C SER A 212 -21.60 1.47 15.83
N TYR A 213 -21.66 2.07 14.64
CA TYR A 213 -20.67 1.81 13.58
C TYR A 213 -19.24 2.18 14.01
N ARG A 214 -19.15 3.21 14.83
CA ARG A 214 -17.92 3.70 15.35
C ARG A 214 -17.25 2.62 16.26
N SER A 215 -18.04 1.96 17.11
CA SER A 215 -17.50 0.94 17.99
C SER A 215 -17.21 -0.36 17.23
N MET A 216 -18.10 -0.73 16.29
N MET A 216 -18.09 -0.71 16.29
CA MET A 216 -17.85 -1.83 15.36
CA MET A 216 -17.83 -1.80 15.38
C MET A 216 -16.53 -1.60 14.59
C MET A 216 -16.52 -1.59 14.62
N PHE A 217 -16.33 -0.38 14.08
CA PHE A 217 -15.14 -0.06 13.31
C PHE A 217 -13.90 -0.26 14.14
N GLN A 218 -13.92 0.26 15.35
CA GLN A 218 -12.82 0.11 16.33
C GLN A 218 -12.53 -1.35 16.70
N ASP A 219 -13.58 -2.11 16.97
CA ASP A 219 -13.45 -3.55 17.21
C ASP A 219 -12.70 -4.26 16.05
N VAL A 220 -13.09 -3.94 14.80
CA VAL A 220 -12.46 -4.48 13.59
C VAL A 220 -10.98 -4.07 13.49
N ARG A 221 -10.69 -2.86 13.96
CA ARG A 221 -9.43 -2.19 13.72
C ARG A 221 -8.43 -2.79 14.72
N ASP A 222 -8.88 -2.91 15.96
CA ASP A 222 -8.25 -3.64 17.02
C ASP A 222 -8.00 -5.09 16.67
N ALA A 223 -8.99 -5.76 16.08
CA ALA A 223 -8.84 -7.17 15.68
C ALA A 223 -7.77 -7.40 14.59
N VAL A 224 -7.74 -6.53 13.57
CA VAL A 224 -6.72 -6.60 12.53
C VAL A 224 -5.34 -6.40 13.18
N ASP A 225 -5.25 -5.41 14.05
CA ASP A 225 -4.00 -5.07 14.69
C ASP A 225 -3.57 -6.26 15.52
N TRP A 226 -4.51 -6.86 16.26
CA TRP A 226 -4.29 -8.02 17.11
C TRP A 226 -3.79 -9.22 16.32
N VAL A 227 -4.35 -9.47 15.15
CA VAL A 227 -3.91 -10.58 14.27
C VAL A 227 -2.47 -10.37 13.80
N HIS A 228 -2.15 -9.12 13.48
CA HIS A 228 -0.84 -8.75 13.05
C HIS A 228 0.16 -8.90 14.20
N TYR A 229 -0.23 -8.48 15.42
CA TYR A 229 0.71 -8.43 16.54
C TYR A 229 0.66 -9.56 17.58
N LYS A 230 -0.52 -10.13 17.84
CA LYS A 230 -0.70 -11.11 18.93
C LYS A 230 -1.33 -12.42 18.46
N GLY A 231 -1.78 -12.44 17.22
CA GLY A 231 -2.35 -13.61 16.63
C GLY A 231 -1.35 -14.28 15.73
N SER A 232 -1.84 -15.04 14.76
CA SER A 232 -0.99 -16.02 14.09
C SER A 232 -0.80 -15.77 12.60
N LEU A 233 -1.15 -14.56 12.15
CA LEU A 233 -0.92 -14.17 10.77
C LEU A 233 0.55 -14.32 10.38
N LYS A 234 1.44 -13.84 11.25
CA LYS A 234 2.90 -13.93 11.00
C LYS A 234 3.43 -15.35 11.01
N GLU A 235 3.05 -16.13 12.03
CA GLU A 235 3.45 -17.55 12.10
C GLU A 235 2.93 -18.32 10.88
N LYS A 236 1.63 -18.18 10.58
CA LYS A 236 1.03 -18.79 9.37
C LYS A 236 1.68 -18.34 8.07
N THR A 237 2.02 -17.05 7.94
CA THR A 237 2.62 -16.59 6.67
C THR A 237 3.94 -17.23 6.44
N VAL A 238 4.75 -17.29 7.47
CA VAL A 238 6.15 -17.71 7.36
C VAL A 238 6.31 -19.24 7.28
N GLU A 239 5.21 -19.99 7.39
CA GLU A 239 5.30 -21.44 7.43
C GLU A 239 4.87 -21.97 6.08
N ASN A 240 4.41 -21.05 5.23
CA ASN A 240 4.15 -21.32 3.81
C ASN A 240 4.44 -20.06 3.00
N LEU A 241 5.73 -19.77 2.84
CA LEU A 241 6.13 -18.52 2.28
C LEU A 241 5.84 -18.43 0.80
N GLU A 242 5.97 -19.55 0.10
CA GLU A 242 5.77 -19.64 -1.35
C GLU A 242 4.33 -19.35 -1.71
N LYS A 243 3.44 -19.70 -0.81
CA LYS A 243 2.04 -19.44 -0.97
C LYS A 243 1.73 -17.96 -0.79
N TYR A 244 2.42 -17.30 0.17
CA TYR A 244 2.07 -15.93 0.56
C TYR A 244 2.98 -14.83 0.04
N VAL A 245 4.25 -15.12 -0.28
CA VAL A 245 5.16 -14.06 -0.75
C VAL A 245 5.73 -14.26 -2.19
N VAL A 246 5.75 -13.16 -2.97
CA VAL A 246 6.33 -13.09 -4.32
C VAL A 246 7.89 -13.06 -4.17
N LYS A 247 8.60 -14.00 -4.81
CA LYS A 247 10.07 -14.09 -4.75
C LYS A 247 10.55 -13.79 -6.16
N ASP A 248 11.64 -13.04 -6.28
CA ASP A 248 12.18 -12.58 -7.58
C ASP A 248 13.71 -12.65 -7.58
N GLY A 249 14.31 -13.38 -8.53
CA GLY A 249 15.77 -13.51 -8.62
C GLY A 249 16.47 -12.19 -8.86
N LYS A 250 15.72 -11.23 -9.40
CA LYS A 250 16.21 -9.94 -9.81
C LYS A 250 16.38 -8.92 -8.70
N LEU A 251 15.73 -9.16 -7.54
CA LEU A 251 15.83 -8.30 -6.38
C LEU A 251 17.27 -8.15 -5.89
N PRO A 252 18.01 -9.26 -5.66
CA PRO A 252 19.45 -9.20 -5.35
C PRO A 252 20.32 -8.52 -6.36
N LEU A 253 20.05 -8.76 -7.63
CA LEU A 253 20.80 -8.05 -8.67
C LEU A 253 20.57 -6.53 -8.61
N LEU A 254 19.30 -6.11 -8.58
CA LEU A 254 18.98 -4.67 -8.38
C LEU A 254 19.66 -4.05 -7.17
N LEU A 255 19.57 -4.69 -6.00
CA LEU A 255 20.21 -4.16 -4.81
C LEU A 255 21.71 -3.99 -4.93
N SER A 256 22.35 -5.00 -5.53
CA SER A 256 23.80 -4.99 -5.73
C SER A 256 24.19 -3.89 -6.71
N ARG A 257 23.36 -3.65 -7.72
CA ARG A 257 23.62 -2.51 -8.62
C ARG A 257 23.55 -1.19 -7.87
N MET A 258 22.47 -1.01 -7.09
CA MET A 258 22.34 0.18 -6.25
C MET A 258 23.51 0.37 -5.32
N LYS A 259 23.99 -0.70 -4.67
CA LYS A 259 25.12 -0.57 -3.74
C LYS A 259 26.40 -0.14 -4.46
N GLU A 260 26.44 -0.31 -5.77
CA GLU A 260 27.64 0.05 -6.51
C GLU A 260 27.78 1.56 -6.60
N VAL A 261 26.64 2.24 -6.77
CA VAL A 261 26.64 3.68 -7.05
C VAL A 261 26.27 4.51 -5.84
N GLY A 262 25.69 3.87 -4.82
CA GLY A 262 25.36 4.56 -3.58
C GLY A 262 25.23 3.70 -2.34
N LYS A 263 24.53 4.24 -1.36
CA LYS A 263 24.20 3.53 -0.15
C LYS A 263 22.77 2.98 -0.18
N VAL A 264 22.58 1.83 0.47
CA VAL A 264 21.26 1.16 0.50
C VAL A 264 20.82 0.93 1.94
N PHE A 265 19.57 1.27 2.26
CA PHE A 265 19.08 1.01 3.61
C PHE A 265 17.69 0.40 3.64
N LEU A 266 17.42 -0.19 4.79
CA LEU A 266 16.13 -0.81 5.04
C LEU A 266 15.50 -0.04 6.21
N ALA A 267 14.30 0.48 6.05
CA ALA A 267 13.64 0.95 7.25
C ALA A 267 12.22 0.43 7.25
N THR A 268 11.94 -0.47 8.18
CA THR A 268 10.61 -1.11 8.28
C THR A 268 10.01 -0.92 9.66
N ASN A 269 8.68 -0.82 9.68
CA ASN A 269 7.87 -0.83 10.89
C ASN A 269 7.85 -2.20 11.56
N SER A 270 8.09 -3.25 10.77
CA SER A 270 8.22 -4.64 11.22
C SER A 270 9.37 -4.84 12.21
N ASP A 271 9.28 -5.93 12.96
CA ASP A 271 10.30 -6.28 13.94
C ASP A 271 11.41 -7.07 13.25
N TYR A 272 12.55 -7.19 13.91
CA TYR A 272 13.74 -7.95 13.36
C TYR A 272 13.47 -9.43 13.06
N LYS A 273 12.88 -10.15 14.00
CA LYS A 273 12.64 -11.60 13.82
C LYS A 273 11.77 -11.89 12.65
N TYR A 274 10.79 -11.03 12.38
CA TYR A 274 9.92 -11.23 11.20
C TYR A 274 10.62 -10.78 9.92
N THR A 275 11.30 -9.65 10.01
CA THR A 275 12.09 -9.12 8.91
C THR A 275 13.14 -10.13 8.46
N ASP A 276 13.74 -10.84 9.41
CA ASP A 276 14.79 -11.79 9.10
C ASP A 276 14.25 -13.02 8.42
N LYS A 277 13.11 -13.54 8.89
CA LYS A 277 12.37 -14.60 8.16
C LYS A 277 11.96 -14.23 6.73
N ILE A 278 11.37 -13.06 6.55
CA ILE A 278 10.93 -12.66 5.22
C ILE A 278 12.16 -12.37 4.34
N MET A 279 13.05 -11.49 4.80
CA MET A 279 14.26 -11.16 4.02
C MET A 279 15.06 -12.38 3.63
N THR A 280 15.26 -13.31 4.56
CA THR A 280 15.98 -14.54 4.25
C THR A 280 15.41 -15.29 3.03
N TYR A 281 14.10 -15.43 3.04
CA TYR A 281 13.35 -16.13 2.02
C TYR A 281 13.44 -15.39 0.71
N LEU A 282 13.27 -14.07 0.73
CA LEU A 282 13.41 -13.28 -0.53
C LEU A 282 14.77 -13.37 -1.17
N PHE A 283 15.82 -13.66 -0.40
CA PHE A 283 17.16 -13.84 -0.98
C PHE A 283 17.53 -15.33 -1.19
N ASP A 284 16.56 -16.23 -1.08
CA ASP A 284 16.88 -17.65 -1.06
C ASP A 284 16.90 -18.25 -2.45
N PHE A 285 18.08 -18.18 -3.01
CA PHE A 285 18.38 -18.66 -4.36
C PHE A 285 19.76 -19.26 -4.27
N PRO A 286 20.06 -20.24 -5.13
CA PRO A 286 21.41 -20.87 -5.05
C PRO A 286 22.52 -20.06 -5.75
N HIS A 287 22.47 -18.74 -5.63
CA HIS A 287 23.45 -17.79 -6.18
C HIS A 287 23.23 -16.44 -5.45
N GLY A 288 24.10 -15.47 -5.67
CA GLY A 288 23.85 -14.11 -5.17
C GLY A 288 23.22 -13.25 -6.27
N PRO A 289 23.78 -12.04 -6.54
CA PRO A 289 23.15 -11.11 -7.50
C PRO A 289 22.79 -11.75 -8.83
N LYS A 290 23.76 -12.39 -9.49
CA LYS A 290 23.64 -13.01 -10.83
C LYS A 290 23.73 -14.51 -10.62
N PRO A 291 23.13 -15.33 -11.54
CA PRO A 291 23.40 -16.77 -11.50
C PRO A 291 24.88 -17.05 -11.61
N GLY A 292 25.31 -18.03 -10.81
CA GLY A 292 26.71 -18.38 -10.78
C GLY A 292 27.51 -17.77 -9.67
N SER A 293 26.97 -16.78 -8.95
CA SER A 293 27.74 -16.06 -7.90
C SER A 293 27.48 -16.67 -6.54
N SER A 294 28.41 -16.57 -5.60
CA SER A 294 28.14 -17.06 -4.26
C SER A 294 26.89 -16.33 -3.71
N HIS A 295 26.00 -17.09 -3.07
CA HIS A 295 24.92 -16.56 -2.27
C HIS A 295 25.49 -15.69 -1.16
N ARG A 296 24.83 -14.57 -0.89
CA ARG A 296 25.13 -13.86 0.37
C ARG A 296 23.87 -13.52 1.15
N PRO A 297 24.00 -13.37 2.48
CA PRO A 297 22.87 -13.19 3.36
C PRO A 297 22.26 -11.87 3.09
N TRP A 298 20.94 -11.80 3.19
CA TRP A 298 20.24 -10.52 2.97
C TRP A 298 20.94 -9.27 3.61
N GLN A 299 21.47 -9.38 4.80
CA GLN A 299 22.00 -8.20 5.49
C GLN A 299 23.23 -7.56 4.85
N SER A 300 23.93 -8.30 3.97
CA SER A 300 25.19 -7.74 3.33
C SER A 300 24.81 -6.76 2.22
N TYR A 301 23.54 -6.77 1.84
CA TYR A 301 23.06 -5.91 0.77
C TYR A 301 22.76 -4.50 1.22
N PHE A 302 22.61 -4.29 2.54
CA PHE A 302 22.27 -2.99 3.13
C PHE A 302 23.43 -2.35 3.91
N ASP A 303 23.64 -1.04 3.76
CA ASP A 303 24.58 -0.30 4.60
C ASP A 303 24.01 0.07 5.95
N LEU A 304 22.69 0.09 6.04
CA LEU A 304 21.99 0.39 7.29
C LEU A 304 20.63 -0.34 7.31
N ILE A 305 20.39 -1.10 8.37
CA ILE A 305 19.12 -1.83 8.61
C ILE A 305 18.43 -1.28 9.84
N LEU A 306 17.13 -0.91 9.73
CA LEU A 306 16.43 -0.38 10.88
C LEU A 306 15.02 -0.95 11.04
N VAL A 307 14.67 -1.44 12.24
CA VAL A 307 13.40 -2.10 12.43
C VAL A 307 12.57 -1.34 13.44
N ASP A 308 11.29 -1.76 13.60
CA ASP A 308 10.35 -1.04 14.47
C ASP A 308 10.45 0.45 14.24
N ALA A 309 10.55 0.88 12.99
CA ALA A 309 10.71 2.32 12.64
C ALA A 309 9.60 3.22 13.15
N ARG A 310 8.40 2.67 13.37
CA ARG A 310 7.25 3.46 13.77
C ARG A 310 6.99 4.68 12.88
N LYS A 311 6.94 4.43 11.58
CA LYS A 311 6.54 5.44 10.59
C LYS A 311 5.01 5.55 10.73
N PRO A 312 4.45 6.78 10.55
CA PRO A 312 5.13 8.08 10.21
C PRO A 312 5.84 8.83 11.36
N LEU A 313 5.59 8.51 12.65
CA LEU A 313 6.31 9.21 13.74
C LEU A 313 7.85 9.26 13.54
N PHE A 314 8.39 8.33 12.73
CA PHE A 314 9.82 8.22 12.41
C PHE A 314 10.28 9.46 11.70
N PHE A 315 9.40 10.04 10.88
CA PHE A 315 9.75 11.21 10.04
C PHE A 315 9.59 12.54 10.79
N GLY A 316 9.13 12.44 12.03
CA GLY A 316 9.21 13.53 13.02
C GLY A 316 10.24 13.29 14.10
N GLU A 317 9.81 13.41 15.35
CA GLU A 317 10.61 13.15 16.57
C GLU A 317 11.18 11.72 16.67
N GLY A 318 10.44 10.78 16.10
CA GLY A 318 10.73 9.37 16.18
C GLY A 318 10.69 8.90 17.61
N THR A 319 11.45 7.85 17.87
CA THR A 319 11.58 7.23 19.17
C THR A 319 13.08 7.06 19.40
N VAL A 320 13.41 6.47 20.51
CA VAL A 320 14.77 6.28 20.97
C VAL A 320 15.37 5.17 20.12
N LEU A 321 16.58 5.48 19.61
CA LEU A 321 17.43 4.60 18.87
C LEU A 321 17.91 3.46 19.77
N ARG A 322 17.53 2.23 19.44
CA ARG A 322 18.00 1.04 20.16
C ARG A 322 18.79 0.21 19.19
N GLN A 323 19.43 -0.83 19.70
CA GLN A 323 20.26 -1.68 18.93
C GLN A 323 19.74 -3.09 19.11
N VAL A 324 19.49 -3.78 17.99
CA VAL A 324 19.05 -5.17 18.07
C VAL A 324 20.21 -6.12 18.44
N ASP A 325 19.93 -7.02 19.36
CA ASP A 325 20.78 -8.16 19.55
C ASP A 325 20.25 -9.23 18.60
N THR A 326 20.99 -9.47 17.54
CA THR A 326 20.57 -10.31 16.44
C THR A 326 20.76 -11.82 16.67
N LYS A 327 21.19 -12.21 17.88
CA LYS A 327 21.25 -13.62 18.26
C LYS A 327 19.96 -14.04 18.94
N THR A 328 19.51 -13.19 19.87
CA THR A 328 18.27 -13.43 20.59
C THR A 328 17.11 -12.83 19.84
N GLY A 329 17.39 -11.86 18.97
CA GLY A 329 16.35 -11.10 18.31
C GLY A 329 15.67 -10.11 19.25
N LYS A 330 16.30 -9.91 20.42
CA LYS A 330 15.89 -8.94 21.47
C LYS A 330 16.67 -7.63 21.37
N LEU A 331 16.02 -6.54 21.77
CA LEU A 331 16.68 -5.24 21.96
C LEU A 331 17.68 -5.26 23.11
N LYS A 332 18.87 -4.75 22.86
CA LYS A 332 19.79 -4.46 23.94
C LYS A 332 19.11 -3.40 24.80
N ILE A 333 19.41 -3.37 26.10
CA ILE A 333 18.78 -2.44 27.03
C ILE A 333 19.54 -1.12 26.94
N GLY A 334 18.79 -0.02 26.81
CA GLY A 334 19.37 1.30 26.74
C GLY A 334 19.30 1.91 25.35
N THR A 335 19.58 3.20 25.30
CA THR A 335 19.67 3.96 24.05
C THR A 335 21.01 3.71 23.42
N TYR A 336 21.04 3.54 22.10
CA TYR A 336 22.30 3.30 21.42
C TYR A 336 22.98 4.63 21.06
N THR A 337 24.23 4.77 21.49
CA THR A 337 25.01 6.03 21.35
C THR A 337 26.32 5.86 20.59
N GLY A 338 26.51 4.70 19.96
CA GLY A 338 27.70 4.43 19.15
C GLY A 338 27.52 4.79 17.68
N PRO A 339 28.59 4.60 16.88
CA PRO A 339 28.48 4.88 15.46
C PRO A 339 27.91 3.69 14.67
N LEU A 340 27.58 3.93 13.42
CA LEU A 340 27.36 2.83 12.49
C LEU A 340 28.63 1.94 12.42
N GLN A 341 28.51 0.68 12.88
CA GLN A 341 29.53 -0.37 12.65
C GLN A 341 28.88 -1.46 11.82
N HIS A 342 29.70 -2.22 11.09
CA HIS A 342 29.25 -3.36 10.30
C HIS A 342 28.43 -4.31 11.16
N GLY A 343 27.30 -4.77 10.62
CA GLY A 343 26.50 -5.81 11.26
C GLY A 343 25.49 -5.33 12.26
N ILE A 344 25.55 -4.04 12.60
CA ILE A 344 24.66 -3.46 13.59
C ILE A 344 23.17 -3.39 13.09
N VAL A 345 22.23 -3.78 13.94
CA VAL A 345 20.84 -3.60 13.57
C VAL A 345 20.16 -2.67 14.56
N TYR A 346 19.57 -1.61 14.02
CA TYR A 346 18.90 -0.62 14.79
C TYR A 346 17.43 -0.83 14.83
N SER A 347 16.81 -0.22 15.85
CA SER A 347 15.38 -0.28 16.04
C SER A 347 14.98 1.12 16.48
N GLY A 348 13.84 1.60 15.99
CA GLY A 348 13.30 2.90 16.37
C GLY A 348 14.04 4.04 15.70
N GLY A 349 14.58 4.94 16.51
CA GLY A 349 15.17 6.21 16.04
C GLY A 349 14.29 7.06 15.18
N SER A 350 14.90 7.83 14.29
CA SER A 350 14.11 8.74 13.41
C SER A 350 14.77 8.89 12.06
N SER A 351 14.12 9.56 11.12
CA SER A 351 14.72 9.77 9.81
C SER A 351 16.13 10.47 9.88
N ASP A 352 16.31 11.32 10.89
CA ASP A 352 17.60 12.00 11.13
C ASP A 352 18.75 11.04 11.50
N THR A 353 18.46 9.95 12.18
CA THR A 353 19.41 8.87 12.39
C THR A 353 20.05 8.39 11.07
N ILE A 354 19.18 8.08 10.11
CA ILE A 354 19.58 7.65 8.77
C ILE A 354 20.39 8.71 8.03
N CYS A 355 19.99 9.97 8.10
CA CYS A 355 20.75 11.00 7.40
C CYS A 355 22.06 11.21 8.08
N ASP A 356 22.07 11.21 9.42
CA ASP A 356 23.29 11.34 10.17
C ASP A 356 24.30 10.20 9.92
N LEU A 357 23.81 8.95 10.01
CA LEU A 357 24.66 7.74 9.87
C LEU A 357 25.13 7.49 8.47
N LEU A 358 24.32 7.85 7.48
CA LEU A 358 24.74 7.73 6.10
C LEU A 358 25.30 9.03 5.54
N GLY A 359 25.31 10.10 6.32
CA GLY A 359 25.84 11.39 5.85
C GLY A 359 25.11 11.91 4.62
N ALA A 360 23.79 11.71 4.58
CA ALA A 360 23.04 12.13 3.41
C ALA A 360 22.14 13.34 3.74
N LYS A 361 21.74 14.06 2.70
CA LYS A 361 20.69 15.08 2.76
C LYS A 361 19.45 14.37 2.21
N GLY A 362 18.25 14.92 2.44
CA GLY A 362 17.03 14.27 1.99
C GLY A 362 16.91 14.11 0.50
N LYS A 363 17.41 15.10 -0.23
CA LYS A 363 17.36 15.09 -1.69
C LYS A 363 18.31 14.09 -2.38
N ASP A 364 19.26 13.58 -1.61
CA ASP A 364 20.20 12.49 -1.88
C ASP A 364 19.60 11.09 -1.63
N ILE A 365 18.37 11.03 -1.13
CA ILE A 365 17.74 9.79 -0.65
C ILE A 365 16.54 9.58 -1.51
N LEU A 366 16.52 8.43 -2.19
CA LEU A 366 15.31 7.94 -2.83
C LEU A 366 14.72 6.85 -1.95
N TYR A 367 13.49 7.10 -1.52
CA TYR A 367 12.83 6.22 -0.61
C TYR A 367 11.66 5.54 -1.28
N ILE A 368 11.73 4.20 -1.25
CA ILE A 368 10.86 3.33 -1.99
C ILE A 368 9.94 2.70 -0.98
N GLY A 369 8.66 2.99 -1.12
CA GLY A 369 7.69 2.45 -0.20
C GLY A 369 6.33 2.36 -0.84
N ASP A 370 5.35 1.89 -0.08
CA ASP A 370 4.03 1.51 -0.59
C ASP A 370 2.89 2.23 0.13
N HIS A 371 3.19 2.82 1.28
CA HIS A 371 2.19 3.52 2.09
C HIS A 371 2.20 5.02 1.74
N ILE A 372 1.19 5.45 1.02
CA ILE A 372 1.09 6.79 0.50
C ILE A 372 1.24 7.84 1.60
N PHE A 373 0.59 7.59 2.71
CA PHE A 373 0.69 8.47 3.85
C PHE A 373 2.00 8.25 4.59
N GLY A 374 2.08 7.12 5.33
CA GLY A 374 3.24 6.81 6.19
C GLY A 374 4.63 6.80 5.60
N ASP A 375 4.76 6.37 4.34
CA ASP A 375 6.09 6.31 3.67
C ASP A 375 6.42 7.60 2.88
N ILE A 376 5.52 7.94 1.96
CA ILE A 376 5.76 8.81 0.80
C ILE A 376 5.42 10.29 1.13
N LEU A 377 4.14 10.58 1.40
CA LEU A 377 3.71 11.88 1.93
C LEU A 377 4.56 12.48 3.07
N LYS A 378 4.67 11.76 4.18
CA LYS A 378 5.43 12.21 5.32
C LYS A 378 6.92 12.35 5.10
N SER A 379 7.58 11.49 4.31
CA SER A 379 9.05 11.68 4.08
C SER A 379 9.24 12.90 3.19
N LYS A 380 8.31 13.12 2.27
CA LYS A 380 8.44 14.20 1.32
C LYS A 380 8.28 15.52 2.03
N LYS A 381 7.18 15.67 2.80
CA LYS A 381 6.85 16.95 3.45
C LYS A 381 7.66 17.24 4.68
N ARG A 382 8.00 16.22 5.43
CA ARG A 382 8.75 16.45 6.62
C ARG A 382 10.26 16.60 6.38
N GLN A 383 10.78 15.94 5.35
CA GLN A 383 12.22 15.83 5.18
C GLN A 383 12.71 16.21 3.80
N GLY A 384 11.78 16.36 2.86
CA GLY A 384 12.12 16.60 1.46
C GLY A 384 12.92 15.48 0.80
N TRP A 385 12.62 14.24 1.19
CA TRP A 385 13.33 13.11 0.60
C TRP A 385 12.69 12.91 -0.75
N ARG A 386 13.44 12.33 -1.71
CA ARG A 386 12.86 11.93 -2.99
C ARG A 386 12.15 10.59 -2.81
N THR A 387 11.01 10.45 -3.50
CA THR A 387 10.08 9.34 -3.22
C THR A 387 9.77 8.47 -4.44
N PHE A 388 9.53 7.19 -4.21
CA PHE A 388 9.14 6.26 -5.25
C PHE A 388 8.06 5.40 -4.63
N LEU A 389 6.84 5.50 -5.17
CA LEU A 389 5.72 4.76 -4.66
C LEU A 389 5.56 3.49 -5.48
N VAL A 390 5.58 2.33 -4.82
CA VAL A 390 5.34 1.05 -5.46
C VAL A 390 3.81 0.88 -5.39
N ILE A 391 3.12 0.60 -6.51
CA ILE A 391 1.63 0.44 -6.48
C ILE A 391 1.25 -0.92 -7.08
N PRO A 392 1.19 -1.98 -6.26
CA PRO A 392 1.13 -3.32 -6.90
C PRO A 392 -0.10 -3.58 -7.79
N GLU A 393 -1.22 -2.91 -7.57
CA GLU A 393 -2.43 -3.11 -8.40
C GLU A 393 -2.30 -2.50 -9.77
N LEU A 394 -1.20 -1.78 -10.00
CA LEU A 394 -0.98 -1.05 -11.28
C LEU A 394 -0.72 -2.03 -12.45
N ALA A 395 -0.19 -3.19 -12.12
CA ALA A 395 -0.13 -4.31 -13.04
C ALA A 395 -1.55 -4.59 -13.64
N GLN A 396 -2.50 -5.05 -12.83
CA GLN A 396 -3.88 -5.20 -13.33
C GLN A 396 -4.62 -3.91 -13.72
N GLU A 397 -4.31 -2.76 -13.11
CA GLU A 397 -5.03 -1.51 -13.47
C GLU A 397 -4.64 -1.04 -14.89
N LEU A 398 -3.39 -1.30 -15.26
CA LEU A 398 -2.87 -0.95 -16.57
C LEU A 398 -3.50 -1.83 -17.64
N HIS A 399 -3.42 -3.14 -17.47
N HIS A 399 -3.41 -3.15 -17.50
CA HIS A 399 -4.04 -4.11 -18.37
CA HIS A 399 -4.06 -4.09 -18.42
C HIS A 399 -5.45 -3.69 -18.79
C HIS A 399 -5.42 -3.55 -18.83
N VAL A 400 -6.22 -3.15 -17.83
CA VAL A 400 -7.64 -2.79 -18.01
C VAL A 400 -7.79 -1.38 -18.54
N TRP A 401 -6.77 -0.56 -18.34
CA TRP A 401 -6.83 0.85 -18.81
C TRP A 401 -6.73 0.86 -20.33
N THR A 402 -5.98 -0.11 -20.87
CA THR A 402 -5.85 -0.22 -22.31
C THR A 402 -7.15 -0.83 -22.86
N ASP A 403 -7.38 -2.10 -22.56
CA ASP A 403 -8.45 -2.88 -23.20
C ASP A 403 -9.85 -2.25 -23.10
N LYS A 404 -10.00 -1.29 -22.19
CA LYS A 404 -11.20 -0.41 -22.11
C LYS A 404 -10.81 1.07 -22.30
N SER A 405 -10.02 1.37 -23.32
CA SER A 405 -9.63 2.76 -23.61
C SER A 405 -10.60 3.42 -24.59
N SER A 406 -11.44 2.60 -25.21
CA SER A 406 -12.54 3.10 -26.05
C SER A 406 -13.85 3.22 -25.26
N LEU A 407 -13.82 2.79 -23.99
CA LEU A 407 -14.86 3.14 -23.02
C LEU A 407 -14.51 4.48 -22.38
N PHE A 408 -13.22 4.70 -22.14
CA PHE A 408 -12.73 5.95 -21.60
C PHE A 408 -12.79 7.04 -22.67
N GLU A 409 -12.08 6.80 -23.78
CA GLU A 409 -12.08 7.69 -24.94
C GLU A 409 -13.51 8.03 -25.42
N GLU A 410 -14.48 7.17 -25.09
CA GLU A 410 -15.88 7.40 -25.39
C GLU A 410 -16.53 8.38 -24.39
N LEU A 411 -16.29 8.13 -23.09
CA LEU A 411 -16.72 9.04 -22.01
C LEU A 411 -16.05 10.41 -22.17
N GLN A 412 -14.76 10.39 -22.45
CA GLN A 412 -14.01 11.59 -22.82
C GLN A 412 -14.75 12.44 -23.83
N SER A 413 -15.28 11.76 -24.85
CA SER A 413 -15.94 12.39 -25.98
C SER A 413 -17.26 13.06 -25.60
N LEU A 414 -18.04 12.42 -24.74
CA LEU A 414 -19.35 12.96 -24.36
C LEU A 414 -19.24 14.28 -23.60
N ASP A 415 -18.26 14.38 -22.70
CA ASP A 415 -17.96 15.61 -21.95
C ASP A 415 -17.86 16.81 -22.89
N ILE A 416 -17.13 16.63 -24.00
CA ILE A 416 -17.02 17.62 -25.08
C ILE A 416 -18.37 17.91 -25.74
N PHE A 417 -19.04 16.84 -26.18
CA PHE A 417 -20.34 16.89 -26.85
C PHE A 417 -21.42 17.35 -25.87
N GLN A 439 -26.07 13.19 -20.70
CA GLN A 439 -25.81 13.23 -19.28
C GLN A 439 -26.11 11.88 -18.64
N ARG A 440 -27.34 11.41 -18.82
CA ARG A 440 -27.76 10.11 -18.28
C ARG A 440 -26.92 9.00 -18.93
N ARG A 441 -26.43 9.31 -20.13
CA ARG A 441 -25.51 8.45 -20.85
C ARG A 441 -24.06 8.56 -20.31
N ILE A 442 -23.71 9.70 -19.68
CA ILE A 442 -22.45 9.85 -18.91
C ILE A 442 -22.43 9.00 -17.62
N LYS A 443 -23.55 8.94 -16.90
CA LYS A 443 -23.62 8.16 -15.65
C LYS A 443 -23.54 6.67 -15.92
N LYS A 444 -24.27 6.23 -16.95
CA LYS A 444 -24.30 4.82 -17.34
C LYS A 444 -22.94 4.28 -17.77
N VAL A 445 -22.15 5.14 -18.41
CA VAL A 445 -20.87 4.75 -19.00
C VAL A 445 -19.69 4.81 -18.02
N THR A 446 -19.65 5.86 -17.19
CA THR A 446 -18.88 5.86 -15.95
C THR A 446 -18.99 4.48 -15.24
N HIS A 447 -20.24 4.10 -14.92
CA HIS A 447 -20.58 2.87 -14.17
C HIS A 447 -19.93 1.60 -14.68
N ASP A 448 -20.07 1.32 -15.96
CA ASP A 448 -19.51 0.07 -16.50
C ASP A 448 -18.02 0.14 -16.80
N MET A 449 -17.50 1.36 -17.00
CA MET A 449 -16.06 1.58 -17.01
C MET A 449 -15.46 1.04 -15.72
N ASP A 450 -15.99 1.50 -14.58
CA ASP A 450 -15.49 1.14 -13.25
C ASP A 450 -15.62 -0.34 -12.89
N MET A 451 -16.81 -0.90 -13.14
CA MET A 451 -17.09 -2.30 -12.86
C MET A 451 -16.00 -3.28 -13.31
N CYS A 452 -15.33 -2.99 -14.43
CA CYS A 452 -14.15 -3.80 -14.86
C CYS A 452 -13.09 -3.92 -13.77
N TYR A 453 -12.95 -2.88 -12.96
CA TYR A 453 -11.95 -2.88 -11.91
C TYR A 453 -12.48 -3.66 -10.72
N GLY A 454 -13.80 -3.61 -10.52
CA GLY A 454 -14.47 -4.22 -9.38
C GLY A 454 -15.65 -3.38 -8.94
N MET A 455 -16.33 -3.83 -7.89
CA MET A 455 -17.50 -3.18 -7.35
C MET A 455 -17.23 -1.74 -6.83
N MET A 456 -16.00 -1.51 -6.35
CA MET A 456 -15.66 -0.20 -5.82
C MET A 456 -14.86 0.64 -6.80
N GLY A 457 -14.56 0.09 -7.98
CA GLY A 457 -13.96 0.84 -9.11
C GLY A 457 -12.45 0.92 -9.13
N SER A 458 -11.94 1.74 -10.04
CA SER A 458 -10.52 1.97 -10.12
C SER A 458 -10.01 2.59 -8.80
N LEU A 459 -8.80 2.18 -8.45
CA LEU A 459 -7.96 2.79 -7.46
C LEU A 459 -7.80 4.28 -7.74
N PHE A 460 -7.77 4.66 -9.02
CA PHE A 460 -7.32 5.99 -9.44
C PHE A 460 -8.36 7.00 -9.81
N ARG A 461 -9.57 6.53 -10.14
CA ARG A 461 -10.67 7.35 -10.67
C ARG A 461 -12.04 6.66 -10.72
N SER A 462 -13.09 7.47 -10.75
CA SER A 462 -14.47 7.06 -11.05
C SER A 462 -14.88 7.85 -12.29
N GLY A 463 -14.73 7.21 -13.45
CA GLY A 463 -14.87 7.88 -14.73
C GLY A 463 -13.83 8.99 -14.93
N SER A 464 -14.32 10.20 -15.10
CA SER A 464 -13.48 11.31 -15.42
C SER A 464 -13.02 12.05 -14.18
N ARG A 465 -13.43 11.56 -13.00
CA ARG A 465 -13.08 12.16 -11.72
C ARG A 465 -11.99 11.34 -11.00
N GLN A 466 -10.86 11.99 -10.66
CA GLN A 466 -9.75 11.38 -9.94
C GLN A 466 -10.04 11.23 -8.45
N THR A 467 -9.61 10.11 -7.84
CA THR A 467 -9.81 9.87 -6.42
C THR A 467 -8.76 10.65 -5.62
N LEU A 468 -8.92 10.70 -4.30
CA LEU A 468 -7.94 11.26 -3.39
C LEU A 468 -6.60 10.53 -3.51
N PHE A 469 -6.68 9.21 -3.74
CA PHE A 469 -5.51 8.42 -3.79
C PHE A 469 -4.64 8.85 -4.97
N ALA A 470 -5.23 8.87 -6.16
CA ALA A 470 -4.58 9.40 -7.33
C ALA A 470 -4.02 10.80 -7.13
N SER A 471 -4.82 11.71 -6.62
CA SER A 471 -4.31 13.06 -6.48
C SER A 471 -3.07 13.13 -5.54
N GLN A 472 -3.09 12.34 -4.47
CA GLN A 472 -1.96 12.17 -3.54
C GLN A 472 -0.71 11.51 -4.17
N VAL A 473 -0.90 10.54 -5.07
CA VAL A 473 0.22 9.92 -5.80
C VAL A 473 0.83 11.00 -6.65
N MET A 474 0.00 11.71 -7.43
CA MET A 474 0.55 12.79 -8.27
C MET A 474 1.37 13.87 -7.50
N ARG A 475 0.90 14.20 -6.29
CA ARG A 475 1.48 15.25 -5.48
C ARG A 475 2.70 14.82 -4.65
N TYR A 476 2.70 13.61 -4.12
CA TYR A 476 3.78 13.21 -3.25
C TYR A 476 4.81 12.23 -3.78
N ALA A 477 4.41 11.38 -4.74
CA ALA A 477 5.28 10.34 -5.30
C ALA A 477 6.06 10.90 -6.49
N ASP A 478 7.37 11.16 -6.35
CA ASP A 478 8.14 11.71 -7.46
C ASP A 478 8.10 10.74 -8.58
N LEU A 479 8.20 9.45 -8.25
CA LEU A 479 8.15 8.35 -9.22
C LEU A 479 7.23 7.26 -8.65
N TYR A 480 6.66 6.45 -9.51
CA TYR A 480 5.81 5.36 -9.09
C TYR A 480 5.80 4.29 -10.14
N ALA A 481 5.41 3.10 -9.77
CA ALA A 481 5.48 1.97 -10.70
C ALA A 481 4.78 0.79 -10.03
N ALA A 482 4.41 -0.22 -10.84
CA ALA A 482 3.88 -1.50 -10.38
C ALA A 482 4.79 -2.21 -9.42
N SER A 483 6.10 -2.01 -9.56
CA SER A 483 7.08 -2.66 -8.70
C SER A 483 8.32 -1.80 -8.72
N PHE A 484 9.11 -1.80 -7.66
CA PHE A 484 10.41 -1.08 -7.70
C PHE A 484 11.42 -1.75 -8.64
N ILE A 485 11.23 -3.02 -8.96
CA ILE A 485 12.19 -3.73 -9.84
C ILE A 485 12.38 -3.06 -11.23
N ASN A 486 11.33 -2.34 -11.66
CA ASN A 486 11.31 -1.49 -12.83
C ASN A 486 12.55 -0.55 -12.91
N LEU A 487 13.14 -0.20 -11.77
CA LEU A 487 14.40 0.59 -11.76
C LEU A 487 15.62 -0.09 -12.35
N LEU A 488 15.49 -1.39 -12.65
CA LEU A 488 16.57 -2.21 -13.17
C LEU A 488 16.66 -1.98 -14.66
N TYR A 489 15.52 -1.62 -15.28
CA TYR A 489 15.45 -1.43 -16.72
C TYR A 489 15.88 -0.02 -17.13
N TYR A 490 16.35 0.78 -16.19
CA TYR A 490 16.77 2.16 -16.46
C TYR A 490 18.25 2.27 -16.11
N PRO A 491 19.04 3.00 -16.93
CA PRO A 491 20.47 3.11 -16.61
C PRO A 491 20.80 3.80 -15.29
N PHE A 492 22.07 3.67 -14.93
CA PHE A 492 22.61 4.28 -13.71
C PHE A 492 22.30 5.79 -13.54
N SER A 493 22.39 6.56 -14.62
CA SER A 493 22.33 8.01 -14.49
C SER A 493 21.21 8.65 -15.32
N TYR A 494 20.14 7.89 -15.52
CA TYR A 494 18.93 8.33 -16.19
C TYR A 494 18.28 9.60 -15.59
N LEU A 495 17.65 10.39 -16.45
CA LEU A 495 16.93 11.55 -15.98
C LEU A 495 15.47 11.29 -16.27
N PHE A 496 14.71 11.07 -15.21
CA PHE A 496 13.29 10.94 -15.34
C PHE A 496 12.85 12.38 -15.48
N ARG A 497 12.03 12.61 -16.50
CA ARG A 497 11.58 13.95 -16.90
C ARG A 497 10.08 14.00 -16.70
N ALA A 498 9.57 14.96 -15.92
CA ALA A 498 8.16 15.36 -16.02
C ALA A 498 8.13 16.73 -16.70
N ALA A 499 7.12 16.99 -17.53
CA ALA A 499 6.96 18.31 -18.17
C ALA A 499 6.53 19.40 -17.17
N HIS A 500 7.06 20.62 -17.37
CA HIS A 500 6.74 21.76 -16.51
C HIS A 500 5.27 22.09 -16.52
N VAL A 501 4.83 22.56 -15.36
CA VAL A 501 3.42 22.87 -15.13
C VAL A 501 3.25 24.37 -15.36
N LEU A 502 2.13 24.72 -16.00
CA LEU A 502 1.76 26.10 -16.26
C LEU A 502 0.39 26.37 -15.64
N MET A 503 0.25 27.55 -15.03
CA MET A 503 -1.03 28.03 -14.56
C MET A 503 -1.90 28.40 -15.76
N PRO A 504 -3.23 28.32 -15.63
CA PRO A 504 -4.11 28.77 -16.71
C PRO A 504 -3.77 30.13 -17.41
N HIS A 505 -3.58 31.22 -16.66
CA HIS A 505 -3.13 32.49 -17.24
C HIS A 505 -1.74 32.39 -17.87
N GLU A 506 -0.99 31.34 -17.57
CA GLU A 506 0.36 31.26 -18.12
C GLU A 506 0.35 30.62 -19.52
N SER A 507 -0.73 29.88 -19.78
CA SER A 507 -1.03 29.22 -21.06
C SER A 507 -2.16 29.92 -21.81
#